data_7HKL
#
_entry.id   7HKL
#
_cell.length_a   82.356
_cell.length_b   116.766
_cell.length_c   148.756
_cell.angle_alpha   90.00
_cell.angle_beta   90.00
_cell.angle_gamma   90.00
#
_symmetry.space_group_name_H-M   'I 2 2 2'
#
loop_
_entity.id
_entity.type
_entity.pdbx_description
1 polymer 'Genome polyprotein'
2 non-polymer 'ZINC ION'
3 non-polymer '2-(N-MORPHOLINO)-ETHANESULFONIC ACID'
4 non-polymer 'DIMETHYL SULFOXIDE'
5 non-polymer 'PHOSPHATE ION'
6 non-polymer DI(HYDROXYETHYL)ETHER
7 non-polymer 1-cyclohexyl-N-methylmethanesulfonamide
8 water water
#
_entity_poly.entity_id   1
_entity_poly.type   'polypeptide(L)'
_entity_poly.pdbx_seq_one_letter_code
;GPGIESETPNLDIIGKRIEKIKQEHETSWHYDQDHPYKTWAYHGSYETKQTGSASSMVNGVVRLLTKPWDIIPMVTQMAM
TDTTPFGQQRVFKEKVDTRTQEPKEGTKKLMKITAEWLWKELGKKKTPRMCTREEFTRKVRSNAALGAIFTDENKWKSAR
EAVEDSGFWELVDKERNLHLEGKCETCVYNMMGKREKKLGEFGKAKGSRAIWYMWLGARFLEFEALGFLNEDHWFSRENS
LSGVEGEGLHKLGYILRDVSKKEGGAMYADDTAGWDTRITLEDLKNEEMVTNHMEGEHKKLAEAIFKLTYQNKVVRVQRP
TPRGTVMDIISRRDQRGSGQVVTYGLNTFTNMEAQLIRQMEGEGVFKSIQHLTVTEEIAVKNWLVRVGRERLSRMAISGD
DCVVKPLDDRFASALTALNDMGKVRKDIQQWEPSRGWNDWTQVPFCSHHFHELIMKDGRVLVVPCRNQDELIGRARISQG
AGWSLRETACLGKSYAQMWSLMYFHRRDLRLAANAICSAVPSHWVPTSRTTWSIHATHEWMTTEDMLTVWNRVWIQENPW
MEDKTPVESWEEIPYLGKREDQWCGSLIGLTSRATWAKNIQTAINQVRSLIGNEEYTDYMPSMKRFRREEEEAGVLW
;
_entity_poly.pdbx_strand_id   A
#
loop_
_chem_comp.id
_chem_comp.type
_chem_comp.name
_chem_comp.formula
DMS non-polymer 'DIMETHYL SULFOXIDE' 'C2 H6 O S'
LJR non-polymer 1-cyclohexyl-N-methylmethanesulfonamide 'C8 H17 N O2 S'
MES non-polymer '2-(N-MORPHOLINO)-ETHANESULFONIC ACID' 'C6 H13 N O4 S'
PEG non-polymer DI(HYDROXYETHYL)ETHER 'C4 H10 O3'
PO4 non-polymer 'PHOSPHATE ION' 'O4 P -3'
ZN non-polymer 'ZINC ION' 'Zn 2'
#
# COMPACT_ATOMS: atom_id res chain seq x y z
N ASN A 10 11.26 13.39 26.57
CA ASN A 10 9.84 13.54 27.01
C ASN A 10 9.46 15.02 26.81
N LEU A 11 8.85 15.65 27.83
CA LEU A 11 7.97 16.85 27.69
C LEU A 11 8.71 18.03 27.04
N ASP A 12 10.05 18.06 27.13
CA ASP A 12 10.85 19.16 26.54
C ASP A 12 10.63 19.22 25.01
N ILE A 13 10.53 18.08 24.31
CA ILE A 13 10.37 18.04 22.82
C ILE A 13 8.89 18.18 22.41
N ILE A 14 7.96 17.60 23.18
CA ILE A 14 6.51 17.59 22.82
C ILE A 14 5.75 18.71 23.55
N GLY A 15 6.30 19.28 24.62
CA GLY A 15 5.64 20.26 25.51
C GLY A 15 5.05 21.44 24.74
N LYS A 16 5.87 22.09 23.91
CA LYS A 16 5.50 23.27 23.08
C LYS A 16 4.21 22.94 22.33
N ARG A 17 4.16 21.74 21.74
CA ARG A 17 3.00 21.25 20.94
C ARG A 17 1.80 21.08 21.88
N ILE A 18 2.04 20.53 23.08
CA ILE A 18 1.00 20.29 24.12
C ILE A 18 0.48 21.66 24.58
N GLU A 19 1.39 22.52 25.07
CA GLU A 19 1.08 23.87 25.62
C GLU A 19 0.14 24.60 24.66
N LYS A 20 0.43 24.54 23.35
CA LYS A 20 -0.33 25.24 22.29
C LYS A 20 -1.79 24.78 22.28
N ILE A 21 -2.03 23.47 22.27
CA ILE A 21 -3.40 22.89 22.18
C ILE A 21 -4.15 23.21 23.48
N LYS A 22 -3.46 23.04 24.61
CA LYS A 22 -3.98 23.34 25.97
C LYS A 22 -4.65 24.72 25.96
N GLN A 23 -3.94 25.77 25.50
CA GLN A 23 -4.43 27.18 25.42
C GLN A 23 -5.68 27.31 24.53
N GLU A 24 -5.65 26.82 23.30
CA GLU A 24 -6.74 26.97 22.30
C GLU A 24 -8.05 26.41 22.87
N HIS A 25 -7.98 25.58 23.91
CA HIS A 25 -9.15 24.99 24.61
C HIS A 25 -8.99 25.14 26.12
N GLU A 26 -8.62 26.34 26.59
CA GLU A 26 -8.42 26.69 28.03
C GLU A 26 -9.75 26.54 28.79
N THR A 27 -10.87 26.79 28.10
CA THR A 27 -12.26 26.67 28.64
C THR A 27 -12.66 25.20 28.84
N SER A 28 -11.83 24.21 28.46
CA SER A 28 -12.18 22.75 28.50
C SER A 28 -11.11 21.88 29.19
N TRP A 29 -9.86 22.34 29.34
CA TRP A 29 -8.71 21.45 29.65
C TRP A 29 -8.90 20.75 31.01
N HIS A 30 -9.08 19.42 30.99
CA HIS A 30 -9.12 18.56 32.21
C HIS A 30 -8.19 17.36 32.05
N TYR A 31 -7.55 16.96 33.17
CA TYR A 31 -6.80 15.68 33.32
C TYR A 31 -7.77 14.60 33.77
N ASP A 32 -8.64 14.15 32.87
CA ASP A 32 -9.59 13.02 33.05
C ASP A 32 -8.88 11.83 33.75
N GLN A 33 -9.54 11.25 34.75
CA GLN A 33 -8.95 10.26 35.70
C GLN A 33 -9.30 8.83 35.26
N ASP A 34 -10.43 8.66 34.56
CA ASP A 34 -10.91 7.36 34.01
C ASP A 34 -10.47 7.25 32.54
N HIS A 35 -9.20 7.55 32.26
CA HIS A 35 -8.57 7.52 30.91
C HIS A 35 -8.03 6.11 30.64
N PRO A 36 -8.31 5.52 29.45
CA PRO A 36 -7.90 4.14 29.15
C PRO A 36 -6.38 3.84 29.07
N TYR A 37 -5.58 4.78 28.59
CA TYR A 37 -4.23 4.51 28.04
C TYR A 37 -3.37 3.83 29.12
N LYS A 38 -2.65 2.77 28.72
CA LYS A 38 -1.53 2.20 29.50
C LYS A 38 -0.20 2.53 28.83
N THR A 39 -0.08 2.27 27.52
CA THR A 39 1.20 2.35 26.77
C THR A 39 1.41 3.74 26.17
N TRP A 40 0.34 4.44 25.79
CA TRP A 40 0.36 5.88 25.42
C TRP A 40 0.41 6.71 26.71
N ALA A 41 1.27 7.72 26.76
CA ALA A 41 1.27 8.81 27.77
C ALA A 41 0.10 9.74 27.48
N TYR A 42 -0.66 10.05 28.53
CA TYR A 42 -1.84 10.95 28.53
C TYR A 42 -1.36 12.32 29.02
N HIS A 43 -2.03 13.38 28.56
CA HIS A 43 -1.67 14.79 28.86
C HIS A 43 -2.91 15.62 29.22
N GLY A 44 -4.08 15.31 28.66
CA GLY A 44 -5.34 15.99 29.01
C GLY A 44 -6.41 15.83 27.96
N SER A 45 -7.50 16.60 28.07
CA SER A 45 -8.72 16.48 27.23
C SER A 45 -9.29 17.87 26.92
N TYR A 46 -10.33 17.93 26.07
CA TYR A 46 -11.10 19.13 25.63
C TYR A 46 -12.30 18.69 24.76
N GLU A 47 -13.36 19.50 24.66
CA GLU A 47 -14.67 19.14 24.07
C GLU A 47 -14.65 19.15 22.53
N THR A 48 -15.29 18.16 21.90
CA THR A 48 -15.58 18.06 20.44
C THR A 48 -16.88 17.26 20.24
N LYS A 49 -17.35 17.09 18.99
CA LYS A 49 -18.56 16.30 18.66
C LYS A 49 -18.68 16.13 17.13
N GLN A 50 -18.46 14.91 16.64
CA GLN A 50 -18.62 14.50 15.21
C GLN A 50 -18.30 13.00 15.07
N THR A 51 -18.35 12.46 13.85
CA THR A 51 -18.40 10.99 13.52
C THR A 51 -18.03 10.16 14.76
N ALA A 54 -18.29 8.50 8.15
CA ALA A 54 -18.08 8.22 6.71
C ALA A 54 -18.08 6.70 6.46
N SER A 55 -19.23 6.14 6.05
CA SER A 55 -19.43 4.69 5.77
C SER A 55 -19.42 4.42 4.26
N SER A 56 -19.47 3.14 3.89
CA SER A 56 -19.33 2.66 2.49
C SER A 56 -20.69 2.71 1.77
N MET A 57 -20.76 3.54 0.72
CA MET A 57 -21.96 3.74 -0.13
C MET A 57 -21.91 2.73 -1.28
N VAL A 58 -23.05 2.29 -1.81
CA VAL A 58 -23.06 1.32 -2.94
C VAL A 58 -23.04 2.09 -4.26
N ASN A 59 -22.19 1.63 -5.18
CA ASN A 59 -22.14 2.08 -6.59
C ASN A 59 -23.26 1.40 -7.36
N GLY A 60 -24.35 2.12 -7.62
CA GLY A 60 -25.55 1.54 -8.28
C GLY A 60 -25.27 1.13 -9.73
N VAL A 61 -24.36 1.80 -10.42
CA VAL A 61 -24.09 1.40 -11.82
C VAL A 61 -23.49 -0.03 -11.79
N VAL A 62 -22.49 -0.32 -10.94
CA VAL A 62 -21.85 -1.68 -10.93
C VAL A 62 -22.87 -2.69 -10.38
N ARG A 63 -23.62 -2.35 -9.35
CA ARG A 63 -24.56 -3.32 -8.77
C ARG A 63 -25.62 -3.71 -9.79
N LEU A 64 -26.20 -2.77 -10.54
CA LEU A 64 -27.27 -3.14 -11.50
C LEU A 64 -26.70 -4.06 -12.58
N LEU A 65 -25.40 -4.00 -12.88
CA LEU A 65 -24.80 -4.86 -13.96
C LEU A 65 -24.12 -6.11 -13.39
N THR A 66 -24.28 -6.36 -12.08
CA THR A 66 -23.82 -7.59 -11.39
C THR A 66 -24.96 -8.19 -10.54
N LYS A 67 -26.12 -8.37 -11.12
CA LYS A 67 -27.30 -8.88 -10.39
C LYS A 67 -27.06 -10.26 -9.73
N PRO A 68 -26.43 -11.28 -10.35
CA PRO A 68 -26.30 -12.58 -9.70
C PRO A 68 -25.65 -12.49 -8.31
N TRP A 69 -24.83 -11.46 -8.07
CA TRP A 69 -24.03 -11.33 -6.83
C TRP A 69 -24.87 -10.67 -5.72
N ASP A 70 -26.10 -10.26 -6.04
CA ASP A 70 -27.04 -9.63 -5.05
C ASP A 70 -27.44 -10.63 -3.95
N ILE A 71 -27.21 -11.92 -4.20
CA ILE A 71 -27.62 -13.04 -3.32
C ILE A 71 -26.39 -13.79 -2.79
N ILE A 72 -25.16 -13.28 -3.01
CA ILE A 72 -23.90 -13.87 -2.50
C ILE A 72 -23.47 -13.06 -1.29
N PRO A 73 -23.64 -13.60 -0.05
CA PRO A 73 -23.28 -12.87 1.17
C PRO A 73 -21.84 -12.33 1.24
N MET A 74 -20.87 -13.05 0.69
CA MET A 74 -19.47 -12.57 0.66
C MET A 74 -19.36 -11.25 -0.12
N VAL A 75 -20.22 -11.02 -1.12
CA VAL A 75 -20.27 -9.72 -1.85
C VAL A 75 -21.08 -8.72 -1.05
N THR A 76 -22.31 -9.04 -0.69
CA THR A 76 -23.27 -8.04 -0.14
C THR A 76 -22.84 -7.58 1.24
N GLN A 77 -22.20 -8.46 2.02
CA GLN A 77 -21.80 -8.11 3.41
C GLN A 77 -20.65 -7.11 3.37
N MET A 78 -19.84 -7.06 2.30
CA MET A 78 -18.69 -6.12 2.22
C MET A 78 -19.17 -4.68 2.31
N ALA A 79 -20.41 -4.37 1.88
CA ALA A 79 -20.88 -2.96 1.79
C ALA A 79 -21.54 -2.49 3.11
N MET A 80 -21.64 -3.34 4.14
CA MET A 80 -22.32 -3.02 5.44
C MET A 80 -21.29 -2.58 6.50
N THR A 81 -21.76 -1.99 7.62
CA THR A 81 -21.04 -1.90 8.92
C THR A 81 -21.11 -0.52 9.54
N PHE A 92 -8.39 -2.87 15.07
CA PHE A 92 -8.15 -3.20 16.50
C PHE A 92 -7.42 -2.02 17.15
N LYS A 93 -8.13 -1.15 17.88
CA LYS A 93 -7.58 0.03 18.62
C LYS A 93 -7.11 -0.43 20.02
N GLU A 94 -7.16 -1.74 20.28
CA GLU A 94 -6.60 -2.42 21.50
C GLU A 94 -5.36 -3.22 21.08
N LYS A 95 -4.83 -2.90 19.88
CA LYS A 95 -3.50 -3.35 19.36
C LYS A 95 -2.56 -2.13 19.27
N VAL A 96 -3.10 -0.93 19.03
CA VAL A 96 -2.33 0.35 19.09
C VAL A 96 -1.89 0.59 20.54
N ASP A 97 -2.70 0.18 21.53
CA ASP A 97 -2.40 0.26 22.98
C ASP A 97 -1.81 -1.09 23.44
N THR A 98 -0.71 -1.52 22.82
CA THR A 98 0.18 -2.63 23.30
C THR A 98 1.62 -2.10 23.28
N ARG A 99 2.61 -2.91 23.71
CA ARG A 99 4.03 -2.48 23.90
C ARG A 99 4.98 -3.55 23.34
N THR A 100 6.16 -3.15 22.86
CA THR A 100 7.19 -4.04 22.26
C THR A 100 8.49 -3.97 23.04
N GLN A 101 8.95 -5.10 23.57
CA GLN A 101 10.21 -5.22 24.34
C GLN A 101 11.38 -4.66 23.52
N GLU A 102 12.39 -4.12 24.21
CA GLU A 102 13.70 -3.71 23.66
C GLU A 102 14.48 -4.93 23.18
N PRO A 103 14.85 -5.01 21.88
CA PRO A 103 15.70 -6.11 21.40
C PRO A 103 16.95 -6.27 22.27
N LYS A 104 17.52 -7.47 22.31
CA LYS A 104 18.83 -7.79 22.95
C LYS A 104 19.97 -7.08 22.19
N GLU A 105 21.20 -7.24 22.66
CA GLU A 105 22.40 -6.51 22.21
C GLU A 105 22.89 -7.06 20.87
N GLY A 106 22.94 -8.39 20.72
CA GLY A 106 23.26 -9.07 19.46
C GLY A 106 22.27 -8.65 18.35
N THR A 107 20.98 -8.53 18.68
CA THR A 107 19.91 -8.12 17.74
C THR A 107 20.12 -6.68 17.27
N LYS A 108 20.15 -5.72 18.21
CA LYS A 108 20.52 -4.29 17.97
C LYS A 108 21.80 -4.13 17.12
N LYS A 109 22.86 -4.89 17.38
CA LYS A 109 24.10 -4.85 16.57
C LYS A 109 23.84 -5.34 15.13
N LEU A 110 23.12 -6.47 14.98
CA LEU A 110 22.77 -7.09 13.66
C LEU A 110 21.97 -6.06 12.83
N MET A 111 21.06 -5.36 13.47
CA MET A 111 20.18 -4.38 12.78
C MET A 111 20.99 -3.14 12.35
N LYS A 112 21.86 -2.63 13.23
CA LYS A 112 22.69 -1.41 12.97
C LYS A 112 23.64 -1.71 11.82
N ILE A 113 24.35 -2.84 11.84
CA ILE A 113 25.29 -3.20 10.74
C ILE A 113 24.50 -3.29 9.44
N THR A 114 23.35 -3.97 9.47
CA THR A 114 22.52 -4.27 8.25
C THR A 114 21.94 -2.98 7.68
N ALA A 115 21.38 -2.13 8.53
CA ALA A 115 20.79 -0.82 8.17
C ALA A 115 21.86 0.07 7.51
N GLU A 116 23.02 0.22 8.18
CA GLU A 116 24.19 1.00 7.67
C GLU A 116 24.49 0.52 6.24
N TRP A 117 24.60 -0.79 6.04
CA TRP A 117 24.98 -1.39 4.75
C TRP A 117 23.84 -1.18 3.72
N LEU A 118 22.58 -1.23 4.15
CA LEU A 118 21.43 -1.17 3.20
C LEU A 118 21.30 0.25 2.67
N TRP A 119 21.37 1.26 3.52
CA TRP A 119 21.33 2.68 3.06
C TRP A 119 22.46 2.99 2.06
N LYS A 120 23.67 2.49 2.32
CA LYS A 120 24.84 2.68 1.42
C LYS A 120 24.52 2.10 0.04
N GLU A 121 23.93 0.89 -0.02
CA GLU A 121 23.64 0.21 -1.32
C GLU A 121 22.50 0.94 -2.04
N LEU A 122 21.51 1.44 -1.30
CA LEU A 122 20.33 2.14 -1.89
C LEU A 122 20.81 3.50 -2.43
N GLY A 123 21.83 4.04 -1.76
CA GLY A 123 22.44 5.37 -2.01
C GLY A 123 23.50 5.39 -3.10
N LYS A 124 23.98 4.22 -3.53
CA LYS A 124 25.10 4.10 -4.49
C LYS A 124 24.74 4.69 -5.87
N LYS A 125 23.45 4.68 -6.25
CA LYS A 125 23.03 5.22 -7.57
C LYS A 125 21.95 6.30 -7.38
N LYS A 126 21.81 6.88 -6.20
CA LYS A 126 20.76 7.87 -5.91
C LYS A 126 21.38 9.01 -5.12
N THR A 127 20.84 10.22 -5.30
CA THR A 127 21.23 11.42 -4.55
C THR A 127 20.05 11.90 -3.74
N PRO A 128 20.13 11.85 -2.39
CA PRO A 128 19.12 12.47 -1.55
C PRO A 128 18.98 13.96 -1.90
N ARG A 129 17.76 14.50 -1.79
CA ARG A 129 17.47 15.91 -2.20
C ARG A 129 16.11 16.33 -1.65
N MET A 130 15.96 17.64 -1.43
CA MET A 130 14.70 18.21 -0.91
C MET A 130 13.68 18.17 -2.04
N CYS A 131 12.45 17.85 -1.70
CA CYS A 131 11.30 18.05 -2.61
C CYS A 131 10.81 19.50 -2.41
N THR A 132 10.15 20.08 -3.41
CA THR A 132 9.91 21.55 -3.48
C THR A 132 8.42 21.85 -3.33
N ARG A 133 8.10 23.07 -2.91
CA ARG A 133 6.71 23.63 -2.90
C ARG A 133 6.08 23.35 -4.26
N GLU A 134 6.84 23.57 -5.34
CA GLU A 134 6.32 23.39 -6.72
C GLU A 134 5.82 21.96 -6.83
N GLU A 135 6.68 20.97 -6.58
CA GLU A 135 6.35 19.51 -6.66
C GLU A 135 5.13 19.23 -5.78
N PHE A 136 5.12 19.79 -4.55
CA PHE A 136 4.05 19.61 -3.55
C PHE A 136 2.70 20.09 -4.10
N THR A 137 2.67 21.30 -4.68
CA THR A 137 1.48 21.94 -5.31
C THR A 137 0.89 21.05 -6.42
N ARG A 138 1.71 20.61 -7.37
CA ARG A 138 1.22 19.81 -8.52
C ARG A 138 0.50 18.58 -7.98
N LYS A 139 1.09 17.90 -7.00
CA LYS A 139 0.52 16.70 -6.34
C LYS A 139 -0.90 17.00 -5.86
N VAL A 140 -1.12 18.16 -5.19
CA VAL A 140 -2.43 18.48 -4.56
C VAL A 140 -3.46 18.69 -5.68
N ARG A 141 -3.03 19.29 -6.79
CA ARG A 141 -3.93 19.71 -7.91
C ARG A 141 -4.21 18.53 -8.86
N SER A 142 -3.80 17.31 -8.50
CA SER A 142 -4.17 16.07 -9.24
C SER A 142 -4.45 14.90 -8.28
N ASN A 143 -4.61 15.17 -6.97
CA ASN A 143 -5.37 14.33 -6.01
C ASN A 143 -4.67 13.01 -5.68
N ALA A 144 -3.62 13.05 -4.85
CA ALA A 144 -3.09 11.91 -4.09
C ALA A 144 -3.57 12.06 -2.63
N ALA A 145 -3.75 10.94 -1.91
CA ALA A 145 -4.28 10.91 -0.52
C ALA A 145 -3.18 11.37 0.46
N LEU A 146 -2.75 12.64 0.36
CA LEU A 146 -1.62 13.25 1.11
C LEU A 146 -1.93 13.31 2.61
N GLY A 147 -3.21 13.38 2.98
CA GLY A 147 -3.67 13.41 4.39
C GLY A 147 -3.46 14.76 5.04
N ALA A 148 -4.38 15.70 4.81
CA ALA A 148 -4.50 17.00 5.51
C ALA A 148 -5.79 17.01 6.32
N ILE A 149 -6.26 18.18 6.78
CA ILE A 149 -7.49 18.33 7.64
C ILE A 149 -8.35 19.49 7.13
N PHE A 150 -9.65 19.50 7.50
CA PHE A 150 -10.63 20.61 7.30
C PHE A 150 -9.94 21.95 7.62
N ASN A 154 -9.92 24.44 11.51
CA ASN A 154 -9.91 24.70 10.05
C ASN A 154 -9.40 26.13 9.80
N LYS A 155 -9.35 26.55 8.53
CA LYS A 155 -8.79 27.86 8.06
C LYS A 155 -8.94 27.98 6.53
N TRP A 156 -8.66 26.90 5.80
CA TRP A 156 -8.92 26.68 4.34
C TRP A 156 -9.80 25.43 4.18
N LYS A 157 -10.67 25.36 3.17
CA LYS A 157 -11.63 24.23 3.01
C LYS A 157 -10.85 22.97 2.62
N SER A 158 -10.54 22.82 1.34
CA SER A 158 -9.74 21.71 0.75
C SER A 158 -8.27 22.11 0.77
N ALA A 159 -7.39 21.16 0.46
CA ALA A 159 -5.93 21.38 0.36
C ALA A 159 -5.64 22.26 -0.86
N ARG A 160 -6.42 22.08 -1.93
CA ARG A 160 -6.31 22.80 -3.23
C ARG A 160 -6.23 24.33 -3.00
N GLU A 161 -6.94 24.88 -1.99
CA GLU A 161 -7.03 26.35 -1.72
C GLU A 161 -5.80 26.83 -0.93
N ALA A 162 -5.43 26.12 0.13
CA ALA A 162 -4.33 26.49 1.06
C ALA A 162 -3.01 26.67 0.29
N VAL A 163 -2.81 25.85 -0.73
CA VAL A 163 -1.55 25.76 -1.52
C VAL A 163 -1.34 27.08 -2.28
N GLU A 164 -2.42 27.74 -2.73
CA GLU A 164 -2.35 28.98 -3.57
C GLU A 164 -2.14 30.24 -2.70
N ASP A 165 -2.43 30.16 -1.41
CA ASP A 165 -2.43 31.30 -0.44
C ASP A 165 -1.07 31.42 0.26
N SER A 166 -0.43 32.59 0.14
CA SER A 166 0.90 32.92 0.72
C SER A 166 0.89 32.82 2.25
N GLY A 167 -0.27 33.01 2.89
CA GLY A 167 -0.47 32.92 4.35
C GLY A 167 0.02 31.59 4.90
N PHE A 168 -0.64 30.51 4.51
CA PHE A 168 -0.19 29.09 4.66
C PHE A 168 1.33 29.01 4.71
N TRP A 169 2.00 29.36 3.61
CA TRP A 169 3.47 29.20 3.44
C TRP A 169 4.20 30.00 4.54
N GLU A 170 3.61 31.06 5.08
CA GLU A 170 4.21 31.83 6.22
C GLU A 170 4.07 30.97 7.48
N LEU A 171 2.93 30.28 7.65
CA LEU A 171 2.77 29.25 8.71
C LEU A 171 3.86 28.18 8.52
N VAL A 172 3.96 27.62 7.30
CA VAL A 172 4.94 26.56 6.91
C VAL A 172 6.34 27.04 7.23
N ASP A 173 6.64 28.32 6.91
CA ASP A 173 7.97 28.95 7.12
C ASP A 173 8.24 29.07 8.63
N LYS A 174 7.26 29.47 9.43
CA LYS A 174 7.51 29.64 10.89
C LYS A 174 7.98 28.30 11.45
N GLU A 175 7.24 27.22 11.15
CA GLU A 175 7.54 25.85 11.63
C GLU A 175 8.90 25.39 11.09
N ARG A 176 9.15 25.66 9.81
CA ARG A 176 10.40 25.26 9.10
C ARG A 176 11.61 25.85 9.82
N ASN A 177 11.56 27.13 10.21
CA ASN A 177 12.68 27.79 10.94
C ASN A 177 12.74 27.22 12.36
N LEU A 178 11.59 26.89 12.96
CA LEU A 178 11.47 26.21 14.27
C LEU A 178 12.21 24.85 14.24
N HIS A 179 11.98 24.04 13.20
CA HIS A 179 12.65 22.72 12.99
C HIS A 179 14.17 22.89 12.88
N LEU A 180 14.65 23.93 12.18
CA LEU A 180 16.12 24.22 12.05
C LEU A 180 16.68 24.58 13.43
N GLU A 181 15.82 24.97 14.37
CA GLU A 181 16.18 25.35 15.77
C GLU A 181 16.07 24.12 16.69
N GLY A 182 15.59 22.97 16.18
CA GLY A 182 15.40 21.73 16.96
C GLY A 182 14.12 21.74 17.79
N LYS A 183 13.09 22.48 17.38
CA LYS A 183 11.80 22.61 18.11
C LYS A 183 10.63 22.45 17.15
N CYS A 184 9.43 22.22 17.67
CA CYS A 184 8.21 21.88 16.90
C CYS A 184 6.98 22.47 17.59
N GLU A 185 6.06 23.07 16.84
CA GLU A 185 4.88 23.74 17.45
C GLU A 185 3.57 23.19 16.89
N THR A 186 3.48 22.80 15.62
CA THR A 186 2.18 22.46 14.98
C THR A 186 2.14 21.07 14.35
N CYS A 187 3.17 20.23 14.48
CA CYS A 187 3.24 18.90 13.80
C CYS A 187 2.66 17.80 14.71
N VAL A 188 1.33 17.71 14.72
CA VAL A 188 0.51 16.88 15.65
C VAL A 188 -0.39 15.94 14.84
N TYR A 189 -0.46 14.68 15.25
CA TYR A 189 -1.21 13.62 14.53
C TYR A 189 -2.69 13.65 14.94
N ASN A 190 -3.54 13.10 14.07
CA ASN A 190 -4.98 12.80 14.30
C ASN A 190 -5.26 11.32 14.00
N MET A 191 -5.67 10.53 15.00
CA MET A 191 -5.94 9.07 14.89
C MET A 191 -7.31 8.88 14.23
N MET A 192 -7.54 7.71 13.61
CA MET A 192 -8.85 7.26 13.06
C MET A 192 -8.72 5.86 12.46
N SER A 208 -7.60 -3.97 11.54
CA SER A 208 -6.12 -3.73 11.54
C SER A 208 -5.79 -2.51 10.68
N ARG A 209 -6.36 -1.33 11.00
CA ARG A 209 -6.11 -0.02 10.33
C ARG A 209 -6.24 1.13 11.35
N ALA A 210 -5.37 2.14 11.26
CA ALA A 210 -5.40 3.38 12.09
C ALA A 210 -4.56 4.47 11.40
N ILE A 211 -5.21 5.32 10.60
CA ILE A 211 -4.57 6.30 9.68
C ILE A 211 -4.45 7.67 10.37
N TRP A 212 -3.23 8.20 10.42
CA TRP A 212 -2.86 9.40 11.22
C TRP A 212 -2.69 10.61 10.29
N TYR A 213 -3.79 11.32 10.00
CA TYR A 213 -3.81 12.62 9.26
C TYR A 213 -3.08 13.69 10.08
N MET A 214 -2.27 14.53 9.41
CA MET A 214 -1.65 15.78 9.95
C MET A 214 -2.24 16.94 9.16
N TRP A 215 -2.01 18.18 9.58
CA TRP A 215 -2.37 19.37 8.74
C TRP A 215 -1.37 19.49 7.58
N LEU A 216 -1.83 20.08 6.48
CA LEU A 216 -1.11 20.13 5.18
C LEU A 216 0.31 20.64 5.37
N GLY A 217 0.48 21.70 6.16
CA GLY A 217 1.77 22.32 6.45
C GLY A 217 2.80 21.29 6.88
N ALA A 218 2.49 20.54 7.92
CA ALA A 218 3.38 19.48 8.47
C ALA A 218 3.57 18.38 7.43
N ARG A 219 2.58 18.17 6.54
CA ARG A 219 2.68 17.17 5.43
C ARG A 219 3.74 17.65 4.45
N PHE A 220 3.74 18.95 4.16
CA PHE A 220 4.73 19.56 3.25
C PHE A 220 6.14 19.34 3.82
N LEU A 221 6.30 19.63 5.10
CA LEU A 221 7.62 19.54 5.79
C LEU A 221 8.11 18.08 5.78
N GLU A 222 7.21 17.11 5.96
CA GLU A 222 7.58 15.67 5.86
C GLU A 222 8.00 15.37 4.39
N PHE A 223 7.26 15.89 3.39
CA PHE A 223 7.50 15.64 1.94
C PHE A 223 8.81 16.27 1.48
N GLU A 224 9.07 17.48 1.97
CA GLU A 224 10.27 18.29 1.61
C GLU A 224 11.53 17.47 1.96
N ALA A 225 11.49 16.80 3.10
CA ALA A 225 12.68 16.18 3.70
C ALA A 225 12.82 14.71 3.26
N LEU A 226 11.70 14.00 3.03
CA LEU A 226 11.71 12.50 2.86
C LEU A 226 11.01 12.05 1.59
N GLY A 227 10.37 12.96 0.87
CA GLY A 227 9.61 12.67 -0.36
C GLY A 227 10.50 12.07 -1.40
N PHE A 228 11.80 12.36 -1.34
CA PHE A 228 12.79 11.85 -2.32
C PHE A 228 12.72 10.31 -2.39
N LEU A 229 12.43 9.63 -1.27
CA LEU A 229 12.44 8.14 -1.17
C LEU A 229 11.44 7.57 -2.18
N ASN A 230 10.26 8.17 -2.24
CA ASN A 230 9.21 7.79 -3.21
C ASN A 230 9.43 8.48 -4.54
N GLU A 231 9.63 9.81 -4.54
CA GLU A 231 9.72 10.61 -5.80
C GLU A 231 10.83 10.08 -6.72
N ASP A 232 11.97 9.60 -6.17
CA ASP A 232 13.14 9.17 -6.96
C ASP A 232 13.27 7.65 -6.86
N HIS A 233 12.25 6.95 -6.41
CA HIS A 233 12.13 5.48 -6.63
C HIS A 233 13.28 4.73 -5.95
N TRP A 234 13.55 5.04 -4.70
CA TRP A 234 14.62 4.36 -3.92
C TRP A 234 14.30 2.85 -3.78
N PHE A 235 13.02 2.48 -3.74
CA PHE A 235 12.57 1.08 -3.56
C PHE A 235 12.10 0.45 -4.88
N SER A 236 12.50 1.00 -6.03
CA SER A 236 12.35 0.33 -7.35
C SER A 236 13.07 -1.01 -7.27
N ARG A 237 12.68 -2.01 -8.05
CA ARG A 237 13.40 -3.29 -8.09
C ARG A 237 14.83 -3.05 -8.60
N GLU A 238 15.01 -2.25 -9.64
CA GLU A 238 16.35 -1.93 -10.24
C GLU A 238 17.29 -1.38 -9.15
N ASN A 239 16.80 -0.48 -8.31
CA ASN A 239 17.66 0.17 -7.30
C ASN A 239 17.88 -0.66 -6.04
N SER A 240 16.84 -1.30 -5.48
CA SER A 240 16.84 -1.98 -4.15
C SER A 240 16.91 -3.50 -4.24
N LEU A 241 16.63 -4.10 -5.40
CA LEU A 241 16.75 -5.56 -5.71
C LEU A 241 15.61 -6.40 -5.06
N SER A 242 15.18 -6.08 -3.83
CA SER A 242 14.02 -6.73 -3.17
C SER A 242 12.72 -5.99 -3.47
N GLY A 243 12.79 -4.69 -3.67
CA GLY A 243 11.59 -3.85 -3.76
C GLY A 243 10.85 -4.03 -5.07
N VAL A 244 9.64 -3.50 -5.10
CA VAL A 244 8.73 -3.55 -6.28
C VAL A 244 8.04 -2.19 -6.43
N GLU A 245 8.58 -1.10 -5.86
CA GLU A 245 7.87 0.23 -5.88
C GLU A 245 7.70 0.63 -7.35
N GLY A 246 6.48 1.01 -7.76
CA GLY A 246 6.23 1.40 -9.17
C GLY A 246 6.00 0.22 -10.08
N GLU A 247 6.00 -1.04 -9.58
CA GLU A 247 6.00 -2.20 -10.48
C GLU A 247 4.63 -2.29 -11.14
N GLY A 248 3.53 -2.51 -10.42
CA GLY A 248 2.26 -2.78 -11.16
C GLY A 248 1.92 -4.27 -11.10
N LEU A 249 0.61 -4.56 -11.08
N LEU A 249 0.62 -4.58 -11.02
CA LEU A 249 0.04 -5.91 -10.82
CA LEU A 249 0.09 -5.95 -10.80
C LEU A 249 0.39 -6.87 -11.95
C LEU A 249 0.50 -6.87 -11.95
N HIS A 250 0.54 -6.34 -13.17
CA HIS A 250 0.93 -7.06 -14.41
C HIS A 250 2.41 -7.41 -14.38
N LYS A 251 3.13 -7.00 -13.33
CA LYS A 251 4.59 -7.25 -13.20
C LYS A 251 4.87 -8.19 -12.02
N LEU A 252 4.06 -8.13 -10.96
CA LEU A 252 4.38 -8.84 -9.70
C LEU A 252 4.47 -10.35 -9.92
N GLY A 253 3.61 -10.91 -10.76
CA GLY A 253 3.63 -12.35 -11.03
C GLY A 253 4.94 -12.75 -11.72
N TYR A 254 5.40 -11.95 -12.66
CA TYR A 254 6.65 -12.24 -13.41
C TYR A 254 7.85 -12.18 -12.45
N ILE A 255 7.81 -11.23 -11.53
CA ILE A 255 8.85 -11.05 -10.52
C ILE A 255 8.90 -12.28 -9.60
N LEU A 256 7.76 -12.79 -9.11
CA LEU A 256 7.72 -13.99 -8.25
C LEU A 256 8.27 -15.19 -9.03
N ARG A 257 7.90 -15.31 -10.31
CA ARG A 257 8.40 -16.41 -11.16
C ARG A 257 9.94 -16.29 -11.32
N ASP A 258 10.47 -15.07 -11.45
CA ASP A 258 11.96 -14.88 -11.53
C ASP A 258 12.60 -15.37 -10.20
N VAL A 259 12.06 -14.97 -9.06
CA VAL A 259 12.53 -15.44 -7.74
C VAL A 259 12.48 -16.98 -7.68
N SER A 260 11.43 -17.60 -8.22
CA SER A 260 11.24 -19.08 -8.21
C SER A 260 12.39 -19.76 -8.95
N LYS A 261 13.04 -19.10 -9.89
CA LYS A 261 14.09 -19.67 -10.76
C LYS A 261 15.42 -19.88 -10.03
N LYS A 262 15.59 -19.20 -8.88
CA LYS A 262 16.79 -19.31 -8.01
C LYS A 262 16.85 -20.70 -7.39
N GLU A 263 18.07 -21.22 -7.19
CA GLU A 263 18.29 -22.47 -6.42
C GLU A 263 17.93 -22.13 -4.97
N GLY A 264 17.13 -22.96 -4.32
CA GLY A 264 16.92 -22.76 -2.87
C GLY A 264 15.80 -23.59 -2.34
N GLY A 265 15.24 -23.19 -1.20
CA GLY A 265 14.17 -23.97 -0.57
C GLY A 265 12.79 -23.48 -1.01
N ALA A 266 11.80 -23.69 -0.14
CA ALA A 266 10.40 -23.27 -0.33
C ALA A 266 10.40 -21.75 -0.49
N MET A 267 9.26 -21.19 -0.88
CA MET A 267 9.01 -19.73 -0.84
C MET A 267 8.23 -19.49 0.46
N TYR A 268 8.70 -18.53 1.25
CA TYR A 268 8.14 -18.16 2.55
C TYR A 268 7.48 -16.80 2.37
N ALA A 269 6.23 -16.72 2.84
CA ALA A 269 5.47 -15.47 2.84
C ALA A 269 4.77 -15.35 4.18
N ASP A 270 5.52 -15.09 5.23
CA ASP A 270 4.96 -14.87 6.59
C ASP A 270 4.52 -13.41 6.71
N ASP A 271 3.23 -13.18 6.98
CA ASP A 271 2.69 -11.85 7.35
C ASP A 271 3.07 -11.57 8.80
N THR A 272 3.33 -10.31 9.14
CA THR A 272 3.52 -9.85 10.52
C THR A 272 2.16 -9.47 11.09
N ALA A 273 1.92 -9.78 12.36
CA ALA A 273 0.75 -9.26 13.11
C ALA A 273 0.96 -7.77 13.43
N GLY A 274 0.18 -6.88 12.83
CA GLY A 274 0.18 -5.42 13.10
C GLY A 274 1.57 -4.81 12.99
N TRP A 275 2.18 -4.94 11.82
CA TRP A 275 3.56 -4.45 11.53
C TRP A 275 3.81 -3.04 12.08
N ASP A 276 2.90 -2.10 11.87
CA ASP A 276 3.08 -0.66 12.27
C ASP A 276 3.22 -0.59 13.81
N THR A 277 2.52 -1.44 14.55
CA THR A 277 2.56 -1.42 16.04
C THR A 277 3.84 -2.08 16.57
N ARG A 278 4.61 -2.79 15.74
CA ARG A 278 5.85 -3.55 16.13
C ARG A 278 7.12 -2.81 15.73
N ILE A 279 7.01 -1.56 15.28
CA ILE A 279 8.19 -0.73 14.92
C ILE A 279 8.79 -0.19 16.22
N THR A 280 9.99 -0.66 16.56
CA THR A 280 10.69 -0.34 17.83
C THR A 280 11.37 1.02 17.69
N LEU A 281 11.81 1.63 18.80
CA LEU A 281 12.60 2.88 18.73
C LEU A 281 13.91 2.56 18.01
N GLU A 282 14.40 1.33 18.10
CA GLU A 282 15.69 0.94 17.47
C GLU A 282 15.53 0.95 15.93
N ASP A 283 14.42 0.41 15.46
CA ASP A 283 13.96 0.52 14.04
C ASP A 283 13.96 2.00 13.61
N LEU A 284 13.28 2.90 14.34
CA LEU A 284 13.19 4.36 13.97
C LEU A 284 14.59 5.00 13.90
N LYS A 285 15.55 4.54 14.70
CA LYS A 285 16.93 5.07 14.75
C LYS A 285 17.75 4.51 13.59
N ASN A 286 17.52 3.27 13.15
CA ASN A 286 18.22 2.76 11.94
C ASN A 286 17.63 3.42 10.69
N GLU A 287 16.33 3.70 10.67
CA GLU A 287 15.68 4.46 9.54
C GLU A 287 16.31 5.85 9.39
N GLU A 288 16.55 6.55 10.51
N GLU A 288 16.54 6.54 10.52
CA GLU A 288 17.09 7.94 10.55
CA GLU A 288 17.11 7.92 10.59
C GLU A 288 18.52 7.98 9.99
C GLU A 288 18.52 7.97 9.98
N MET A 289 19.23 6.85 9.94
CA MET A 289 20.62 6.81 9.38
C MET A 289 20.62 7.17 7.89
N VAL A 290 19.46 7.28 7.23
CA VAL A 290 19.43 7.84 5.84
C VAL A 290 20.03 9.27 5.85
N THR A 291 19.82 10.04 6.93
CA THR A 291 20.32 11.44 7.10
C THR A 291 21.84 11.50 6.99
N ASN A 292 22.54 10.44 7.40
CA ASN A 292 24.01 10.32 7.18
C ASN A 292 24.38 10.48 5.70
N HIS A 293 23.43 10.38 4.77
CA HIS A 293 23.76 10.42 3.32
C HIS A 293 23.49 11.82 2.76
N MET A 294 23.07 12.73 3.63
CA MET A 294 22.49 14.05 3.28
C MET A 294 23.50 15.15 3.63
N GLU A 295 23.16 16.39 3.34
CA GLU A 295 24.04 17.56 3.60
C GLU A 295 23.25 18.85 3.65
N GLY A 296 23.86 19.86 4.26
CA GLY A 296 23.33 21.23 4.33
C GLY A 296 22.01 21.27 5.07
N GLU A 297 21.15 22.20 4.66
CA GLU A 297 19.74 22.35 5.08
C GLU A 297 19.09 20.95 5.20
N HIS A 298 19.09 20.19 4.10
CA HIS A 298 18.34 18.92 3.94
C HIS A 298 18.59 18.03 5.16
N LYS A 299 19.86 17.78 5.46
CA LYS A 299 20.26 16.89 6.57
C LYS A 299 19.58 17.37 7.86
N LYS A 300 19.54 18.68 8.08
CA LYS A 300 19.00 19.26 9.34
C LYS A 300 17.49 19.09 9.36
N LEU A 301 16.86 19.37 8.24
CA LEU A 301 15.39 19.24 8.08
C LEU A 301 14.97 17.76 8.27
N ALA A 302 15.66 16.80 7.65
CA ALA A 302 15.33 15.34 7.73
C ALA A 302 15.49 14.87 9.18
N GLU A 303 16.63 15.24 9.78
CA GLU A 303 16.95 14.97 11.22
C GLU A 303 15.82 15.45 12.11
N ALA A 304 15.22 16.60 11.82
CA ALA A 304 14.16 17.18 12.67
C ALA A 304 12.86 16.38 12.48
N ILE A 305 12.48 16.06 11.25
CA ILE A 305 11.29 15.17 11.02
C ILE A 305 11.48 13.91 11.88
N PHE A 306 12.61 13.23 11.76
CA PHE A 306 12.90 11.94 12.45
C PHE A 306 12.84 12.08 13.99
N LYS A 307 13.60 13.00 14.59
CA LYS A 307 13.60 13.38 16.05
C LYS A 307 12.23 13.82 16.58
N LEU A 308 11.56 14.77 15.91
CA LEU A 308 10.50 15.59 16.53
C LEU A 308 9.10 15.05 16.21
N THR A 309 8.93 14.38 15.06
CA THR A 309 7.59 13.89 14.64
C THR A 309 7.52 12.36 14.65
N TYR A 310 8.63 11.64 14.49
CA TYR A 310 8.63 10.17 14.30
C TYR A 310 9.05 9.47 15.60
N GLN A 311 10.19 9.89 16.18
CA GLN A 311 10.77 9.32 17.42
C GLN A 311 10.18 9.98 18.67
N ASN A 312 9.35 11.02 18.46
CA ASN A 312 8.43 11.65 19.46
C ASN A 312 7.17 12.02 18.69
N LYS A 313 5.99 11.71 19.21
CA LYS A 313 4.71 11.87 18.48
C LYS A 313 3.68 12.40 19.45
N VAL A 314 2.79 13.24 18.94
CA VAL A 314 1.68 13.86 19.69
C VAL A 314 0.45 13.64 18.83
N VAL A 315 -0.61 13.13 19.45
CA VAL A 315 -1.81 12.68 18.68
C VAL A 315 -3.05 13.18 19.39
N ARG A 316 -4.10 13.46 18.62
CA ARG A 316 -5.40 13.88 19.16
C ARG A 316 -6.45 12.84 18.73
N VAL A 317 -7.11 12.23 19.71
CA VAL A 317 -7.96 11.02 19.51
C VAL A 317 -9.38 11.29 20.03
N GLN A 318 -10.39 10.88 19.27
CA GLN A 318 -11.83 10.97 19.67
C GLN A 318 -12.18 9.81 20.61
N ARG A 319 -12.76 10.12 21.78
CA ARG A 319 -13.25 9.15 22.79
C ARG A 319 -14.76 9.34 22.99
N PRO A 320 -15.59 8.26 22.94
CA PRO A 320 -17.03 8.39 23.15
C PRO A 320 -17.47 9.02 24.50
N THR A 321 -16.92 8.53 25.61
CA THR A 321 -17.32 8.88 27.01
C THR A 321 -17.36 10.41 27.18
N THR A 325 -18.21 13.11 24.44
CA THR A 325 -17.05 12.95 23.49
C THR A 325 -16.04 14.08 23.72
N VAL A 326 -14.79 13.71 24.05
CA VAL A 326 -13.64 14.65 24.27
C VAL A 326 -12.53 14.31 23.26
N MET A 327 -11.51 15.18 23.19
CA MET A 327 -10.26 14.95 22.44
C MET A 327 -9.14 14.66 23.44
N ASP A 328 -8.46 13.53 23.28
CA ASP A 328 -7.35 13.06 24.15
C ASP A 328 -6.02 13.40 23.47
N ILE A 329 -5.15 14.11 24.18
CA ILE A 329 -3.82 14.52 23.66
C ILE A 329 -2.82 13.58 24.30
N ILE A 330 -2.33 12.65 23.49
CA ILE A 330 -1.49 11.51 23.94
C ILE A 330 -0.21 11.55 23.12
N SER A 331 0.88 11.08 23.72
CA SER A 331 2.22 11.02 23.12
C SER A 331 2.71 9.58 23.20
N ARG A 332 3.71 9.23 22.39
CA ARG A 332 4.52 7.98 22.52
C ARG A 332 5.71 8.08 21.58
N ARG A 333 6.77 7.34 21.87
CA ARG A 333 8.08 7.49 21.17
C ARG A 333 8.15 6.53 19.96
N ASP A 334 7.58 5.33 20.05
CA ASP A 334 7.77 4.21 19.08
C ASP A 334 6.50 3.95 18.26
N GLN A 335 6.50 2.87 17.46
CA GLN A 335 5.46 2.52 16.47
C GLN A 335 5.59 3.43 15.25
N ARG A 336 4.89 3.06 14.17
CA ARG A 336 4.84 3.81 12.89
C ARG A 336 3.64 4.76 12.89
N GLY A 337 3.95 5.98 12.45
CA GLY A 337 3.11 7.18 12.37
C GLY A 337 3.87 8.20 11.53
N SER A 338 3.64 8.11 10.23
CA SER A 338 4.22 8.98 9.18
C SER A 338 3.10 9.13 8.16
N GLY A 339 3.36 9.81 7.05
CA GLY A 339 2.49 9.74 5.86
C GLY A 339 2.46 8.33 5.32
N GLN A 340 1.37 7.96 4.66
CA GLN A 340 1.19 6.60 4.09
C GLN A 340 2.30 6.34 3.08
N VAL A 341 2.81 7.36 2.38
CA VAL A 341 3.87 7.15 1.35
C VAL A 341 5.26 7.00 2.03
N VAL A 342 5.60 7.85 3.00
CA VAL A 342 6.89 7.63 3.73
C VAL A 342 6.80 6.33 4.54
N THR A 343 5.65 6.04 5.15
CA THR A 343 5.38 4.75 5.83
C THR A 343 5.73 3.58 4.90
N TYR A 344 5.25 3.60 3.66
CA TYR A 344 5.51 2.51 2.71
C TYR A 344 7.02 2.33 2.56
N GLY A 345 7.79 3.41 2.33
CA GLY A 345 9.23 3.24 2.01
C GLY A 345 10.05 2.79 3.22
N LEU A 346 9.74 3.27 4.41
CA LEU A 346 10.50 2.91 5.63
C LEU A 346 10.08 1.50 6.07
N ASN A 347 8.80 1.14 5.90
CA ASN A 347 8.35 -0.28 6.06
C ASN A 347 9.15 -1.19 5.12
N THR A 348 9.25 -0.87 3.82
CA THR A 348 10.01 -1.71 2.88
C THR A 348 11.47 -1.86 3.38
N PHE A 349 12.09 -0.75 3.77
CA PHE A 349 13.52 -0.71 4.21
C PHE A 349 13.70 -1.66 5.42
N THR A 350 12.83 -1.51 6.41
CA THR A 350 12.98 -2.22 7.70
C THR A 350 12.62 -3.70 7.51
N ASN A 351 11.66 -4.00 6.63
CA ASN A 351 11.31 -5.38 6.23
C ASN A 351 12.50 -5.98 5.47
N MET A 352 13.12 -5.24 4.55
CA MET A 352 14.30 -5.78 3.83
C MET A 352 15.34 -6.16 4.89
N GLU A 353 15.55 -5.30 5.87
CA GLU A 353 16.60 -5.48 6.92
C GLU A 353 16.26 -6.74 7.73
N ALA A 354 15.05 -6.82 8.25
CA ALA A 354 14.59 -7.98 9.05
C ALA A 354 14.82 -9.28 8.28
N GLN A 355 14.41 -9.33 7.02
CA GLN A 355 14.47 -10.58 6.23
C GLN A 355 15.92 -10.95 5.88
N LEU A 356 16.84 -10.01 5.65
CA LEU A 356 18.28 -10.36 5.43
C LEU A 356 18.82 -11.04 6.70
N ILE A 357 18.46 -10.51 7.85
CA ILE A 357 18.92 -10.99 9.17
C ILE A 357 18.34 -12.40 9.38
N ARG A 358 17.04 -12.61 9.13
CA ARG A 358 16.45 -13.96 9.23
C ARG A 358 17.20 -14.88 8.26
N GLN A 359 17.50 -14.42 7.05
CA GLN A 359 18.34 -15.25 6.17
C GLN A 359 19.70 -15.52 6.84
N MET A 360 20.30 -14.56 7.53
CA MET A 360 21.66 -14.72 8.11
C MET A 360 21.58 -15.83 9.16
N GLU A 361 20.55 -15.80 9.99
CA GLU A 361 20.28 -16.82 11.02
C GLU A 361 20.12 -18.19 10.37
N GLY A 362 19.38 -18.32 9.28
CA GLY A 362 19.20 -19.63 8.64
C GLY A 362 20.51 -20.20 8.15
N GLU A 363 21.43 -19.33 7.73
CA GLU A 363 22.71 -19.72 7.11
C GLU A 363 23.76 -19.88 8.24
N GLY A 364 23.38 -19.63 9.48
CA GLY A 364 24.31 -19.75 10.63
C GLY A 364 25.45 -18.76 10.58
N VAL A 365 25.22 -17.50 10.16
CA VAL A 365 26.24 -16.42 10.04
C VAL A 365 26.60 -15.96 11.46
N PHE A 366 25.62 -16.01 12.36
CA PHE A 366 25.76 -15.73 13.80
C PHE A 366 25.05 -16.86 14.59
N LYS A 367 25.40 -17.02 15.85
CA LYS A 367 25.04 -18.21 16.65
C LYS A 367 23.98 -17.79 17.67
N SER A 368 24.01 -16.57 18.17
CA SER A 368 23.01 -16.13 19.17
C SER A 368 22.81 -14.62 19.20
N ILE A 369 21.57 -14.20 19.47
CA ILE A 369 21.05 -12.80 19.46
C ILE A 369 21.46 -12.13 20.78
N GLN A 370 21.95 -12.93 21.73
CA GLN A 370 22.27 -12.43 23.09
C GLN A 370 23.41 -11.42 22.97
N HIS A 371 24.37 -11.71 22.09
CA HIS A 371 25.66 -10.98 21.97
C HIS A 371 26.42 -11.49 20.72
N LEU A 372 26.83 -10.56 19.87
CA LEU A 372 27.73 -10.85 18.72
C LEU A 372 29.16 -10.71 19.25
N THR A 373 30.06 -11.63 18.87
CA THR A 373 31.50 -11.55 19.15
C THR A 373 32.13 -10.56 18.15
N VAL A 374 33.42 -10.29 18.26
CA VAL A 374 34.11 -9.38 17.29
C VAL A 374 34.19 -10.06 15.92
N THR A 375 34.57 -11.35 15.86
CA THR A 375 34.73 -12.11 14.59
C THR A 375 33.34 -12.29 13.94
N GLU A 376 32.25 -12.26 14.71
CA GLU A 376 30.86 -12.41 14.18
C GLU A 376 30.45 -11.12 13.46
N GLU A 377 30.66 -9.94 14.07
CA GLU A 377 30.53 -8.64 13.36
C GLU A 377 31.25 -8.71 12.01
N ILE A 378 32.51 -9.16 11.97
CA ILE A 378 33.29 -9.13 10.70
C ILE A 378 32.72 -10.17 9.73
N ALA A 379 32.13 -11.25 10.26
CA ALA A 379 31.43 -12.30 9.44
C ALA A 379 30.14 -11.74 8.82
N VAL A 380 29.32 -11.03 9.61
CA VAL A 380 28.08 -10.36 9.18
C VAL A 380 28.41 -9.32 8.09
N LYS A 381 29.36 -8.41 8.37
CA LYS A 381 29.80 -7.38 7.39
C LYS A 381 30.21 -8.11 6.11
N ASN A 382 30.92 -9.23 6.27
CA ASN A 382 31.57 -9.92 5.12
C ASN A 382 30.53 -10.63 4.28
N TRP A 383 29.55 -11.28 4.93
CA TRP A 383 28.34 -11.87 4.29
C TRP A 383 27.67 -10.78 3.43
N LEU A 384 27.33 -9.66 4.05
CA LEU A 384 26.67 -8.52 3.35
C LEU A 384 27.47 -8.14 2.10
N VAL A 385 28.78 -7.94 2.24
CA VAL A 385 29.68 -7.49 1.14
C VAL A 385 29.77 -8.59 0.07
N ARG A 386 29.86 -9.85 0.50
CA ARG A 386 30.07 -11.00 -0.42
C ARG A 386 28.74 -11.40 -1.09
N VAL A 387 27.64 -11.48 -0.34
CA VAL A 387 26.38 -12.07 -0.90
C VAL A 387 25.11 -11.24 -0.65
N GLY A 388 25.19 -10.04 -0.06
CA GLY A 388 24.03 -9.22 0.34
C GLY A 388 23.14 -8.94 -0.87
N ARG A 389 23.73 -8.53 -1.98
CA ARG A 389 22.94 -8.19 -3.18
C ARG A 389 22.28 -9.49 -3.67
N GLU A 390 22.99 -10.62 -3.69
CA GLU A 390 22.36 -11.87 -4.20
C GLU A 390 21.16 -12.24 -3.29
N ARG A 391 21.25 -12.01 -1.98
CA ARG A 391 20.22 -12.33 -0.99
C ARG A 391 19.02 -11.38 -1.11
N LEU A 392 19.25 -10.12 -1.48
CA LEU A 392 18.15 -9.14 -1.71
C LEU A 392 17.34 -9.60 -2.91
N SER A 393 18.01 -10.11 -3.93
CA SER A 393 17.35 -10.53 -5.17
C SER A 393 16.46 -11.76 -4.94
N ARG A 394 16.55 -12.45 -3.77
CA ARG A 394 15.76 -13.67 -3.46
C ARG A 394 14.45 -13.24 -2.83
N MET A 395 14.19 -11.94 -2.77
CA MET A 395 13.01 -11.40 -2.07
C MET A 395 12.18 -10.46 -2.95
N ALA A 396 10.87 -10.46 -2.73
CA ALA A 396 9.93 -9.42 -3.19
C ALA A 396 9.29 -8.79 -1.94
N ILE A 397 9.54 -7.50 -1.68
CA ILE A 397 9.11 -6.83 -0.45
C ILE A 397 8.36 -5.56 -0.84
N SER A 398 7.10 -5.50 -0.45
CA SER A 398 6.20 -4.36 -0.60
C SER A 398 5.77 -3.90 0.79
N GLY A 399 6.42 -2.90 1.36
CA GLY A 399 6.05 -2.50 2.73
C GLY A 399 6.13 -3.66 3.71
N ASP A 400 5.07 -3.92 4.49
CA ASP A 400 5.12 -4.99 5.50
C ASP A 400 4.94 -6.36 4.83
N ASP A 401 4.86 -6.42 3.51
CA ASP A 401 4.48 -7.66 2.80
C ASP A 401 5.72 -8.24 2.15
N CYS A 402 6.01 -9.54 2.33
CA CYS A 402 7.23 -10.13 1.74
C CYS A 402 6.99 -11.55 1.21
N VAL A 403 7.84 -11.90 0.24
CA VAL A 403 8.11 -13.29 -0.23
C VAL A 403 9.64 -13.45 -0.24
N VAL A 404 10.14 -14.48 0.42
CA VAL A 404 11.59 -14.85 0.48
C VAL A 404 11.77 -16.26 -0.05
N LYS A 405 12.69 -16.45 -0.98
CA LYS A 405 13.20 -17.77 -1.39
C LYS A 405 14.62 -17.92 -0.86
N PRO A 406 14.78 -18.45 0.37
CA PRO A 406 16.09 -18.57 0.97
C PRO A 406 16.92 -19.70 0.36
N LEU A 407 18.18 -19.72 0.79
CA LEU A 407 19.18 -20.67 0.28
C LEU A 407 18.68 -22.10 0.53
N ASP A 408 17.99 -22.33 1.65
CA ASP A 408 17.44 -23.68 2.00
C ASP A 408 16.37 -23.54 3.07
N ASP A 409 15.82 -24.64 3.57
CA ASP A 409 14.68 -24.57 4.52
C ASP A 409 15.13 -24.40 5.98
N ARG A 410 16.40 -24.17 6.30
CA ARG A 410 16.78 -23.83 7.70
C ARG A 410 16.10 -22.52 8.12
N PHE A 411 15.86 -21.63 7.14
CA PHE A 411 15.08 -20.37 7.28
C PHE A 411 13.78 -20.62 8.07
N ALA A 412 13.06 -21.72 7.81
CA ALA A 412 11.70 -21.97 8.35
C ALA A 412 11.68 -21.93 9.89
N SER A 413 12.74 -22.43 10.52
CA SER A 413 12.89 -22.48 12.00
C SER A 413 13.95 -21.47 12.48
N ALA A 414 14.29 -20.45 11.69
CA ALA A 414 15.23 -19.39 12.12
C ALA A 414 14.37 -18.22 12.63
N LEU A 415 14.01 -18.24 13.90
CA LEU A 415 12.91 -17.38 14.43
C LEU A 415 13.36 -16.47 15.57
N THR A 416 14.63 -16.52 16.01
CA THR A 416 15.02 -15.87 17.29
C THR A 416 15.17 -14.36 17.04
N ALA A 417 15.94 -13.99 16.03
CA ALA A 417 16.11 -12.56 15.61
C ALA A 417 14.75 -11.99 15.17
N LEU A 418 14.01 -12.72 14.34
CA LEU A 418 12.67 -12.23 13.87
C LEU A 418 11.77 -11.91 15.06
N ASN A 419 11.65 -12.82 16.02
CA ASN A 419 10.79 -12.64 17.22
C ASN A 419 11.38 -11.53 18.11
N ASP A 420 12.70 -11.48 18.30
CA ASP A 420 13.35 -10.48 19.18
C ASP A 420 13.29 -9.06 18.56
N MET A 421 13.34 -8.90 17.24
CA MET A 421 13.09 -7.59 16.60
C MET A 421 11.63 -7.15 16.82
N GLY A 422 10.77 -8.05 17.32
CA GLY A 422 9.32 -7.79 17.53
C GLY A 422 8.44 -8.02 16.31
N LYS A 423 8.99 -8.58 15.22
CA LYS A 423 8.27 -8.90 13.96
C LYS A 423 7.65 -10.32 14.05
N VAL A 424 6.66 -10.44 14.92
CA VAL A 424 5.96 -11.70 15.28
C VAL A 424 5.00 -12.05 14.14
N ARG A 425 5.08 -13.30 13.68
CA ARG A 425 4.30 -13.80 12.52
C ARG A 425 2.83 -13.89 12.94
N LYS A 426 1.91 -13.61 12.01
CA LYS A 426 0.43 -13.75 12.18
C LYS A 426 0.01 -15.24 12.06
N ASP A 427 -0.94 -15.71 12.87
CA ASP A 427 -1.69 -16.99 12.67
C ASP A 427 -0.78 -18.23 12.66
N ILE A 428 0.21 -18.30 13.56
CA ILE A 428 1.13 -19.46 13.73
C ILE A 428 1.77 -19.23 15.08
N GLN A 429 1.99 -20.29 15.86
CA GLN A 429 2.54 -20.17 17.24
C GLN A 429 3.99 -19.71 17.12
N GLN A 430 4.41 -18.93 18.10
CA GLN A 430 5.62 -18.09 18.05
C GLN A 430 6.86 -18.89 17.65
N TRP A 431 6.97 -20.16 18.08
CA TRP A 431 8.18 -20.99 17.82
C TRP A 431 7.87 -22.16 16.87
N GLU A 432 6.68 -22.21 16.30
CA GLU A 432 6.33 -23.23 15.27
C GLU A 432 7.03 -22.82 13.96
N PRO A 433 7.74 -23.72 13.26
CA PRO A 433 8.38 -23.35 11.99
C PRO A 433 7.39 -22.87 10.90
N SER A 434 7.82 -21.90 10.09
CA SER A 434 7.05 -21.35 8.97
C SER A 434 6.63 -22.46 8.00
N ARG A 435 5.39 -22.37 7.49
CA ARG A 435 4.87 -23.20 6.38
C ARG A 435 5.22 -22.53 5.05
N GLY A 436 6.14 -23.12 4.29
CA GLY A 436 6.54 -22.60 2.97
C GLY A 436 5.63 -23.05 1.85
N TRP A 437 5.83 -22.52 0.65
CA TRP A 437 5.07 -22.82 -0.56
C TRP A 437 6.03 -23.47 -1.54
N ASN A 438 5.63 -24.57 -2.16
CA ASN A 438 6.45 -25.31 -3.17
C ASN A 438 6.26 -24.74 -4.58
N ASP A 439 5.20 -24.00 -4.84
CA ASP A 439 4.86 -23.54 -6.22
C ASP A 439 4.64 -22.03 -6.17
N TRP A 440 5.39 -21.25 -6.95
CA TRP A 440 5.26 -19.76 -7.01
C TRP A 440 3.82 -19.33 -7.38
N THR A 441 3.05 -20.16 -8.05
CA THR A 441 1.63 -19.87 -8.42
C THR A 441 0.66 -19.99 -7.23
N GLN A 442 1.14 -20.45 -6.07
CA GLN A 442 0.31 -20.62 -4.84
C GLN A 442 0.67 -19.55 -3.81
N VAL A 443 1.78 -18.83 -3.98
CA VAL A 443 2.30 -17.82 -3.01
C VAL A 443 1.37 -16.63 -2.94
N PRO A 444 0.93 -16.21 -1.74
CA PRO A 444 0.20 -14.96 -1.60
C PRO A 444 1.18 -13.78 -1.65
N PHE A 445 0.86 -12.70 -2.36
CA PHE A 445 1.65 -11.44 -2.34
C PHE A 445 0.74 -10.30 -2.75
N CYS A 446 0.67 -9.24 -1.94
CA CYS A 446 -0.12 -7.99 -2.19
C CYS A 446 -1.58 -8.33 -2.48
N SER A 447 -2.16 -9.24 -1.68
CA SER A 447 -3.59 -9.64 -1.74
C SER A 447 -3.90 -10.51 -2.98
N HIS A 448 -2.89 -10.97 -3.71
CA HIS A 448 -3.09 -11.74 -4.97
C HIS A 448 -2.40 -13.11 -4.93
N HIS A 449 -2.73 -13.96 -5.88
CA HIS A 449 -1.86 -15.06 -6.38
C HIS A 449 -1.76 -14.85 -7.89
N PHE A 450 -0.92 -15.63 -8.54
CA PHE A 450 -0.54 -15.42 -9.94
C PHE A 450 -0.67 -16.74 -10.69
N HIS A 451 -1.29 -16.65 -11.88
CA HIS A 451 -1.47 -17.80 -12.78
C HIS A 451 -0.53 -17.66 -13.97
N GLU A 452 -0.07 -18.80 -14.48
CA GLU A 452 0.64 -18.97 -15.76
C GLU A 452 -0.38 -19.36 -16.83
N LEU A 453 -0.47 -18.61 -17.90
CA LEU A 453 -1.58 -18.72 -18.87
C LEU A 453 -0.99 -18.61 -20.27
N ILE A 454 -1.16 -19.68 -21.04
CA ILE A 454 -0.54 -19.83 -22.39
C ILE A 454 -1.59 -19.40 -23.41
N MET A 455 -1.20 -18.42 -24.22
CA MET A 455 -2.03 -17.89 -25.34
C MET A 455 -2.06 -18.91 -26.47
N LYS A 456 -3.16 -18.92 -27.23
N LYS A 456 -3.18 -18.92 -27.21
CA LYS A 456 -3.37 -19.86 -28.37
CA LYS A 456 -3.41 -19.75 -28.42
C LYS A 456 -2.15 -19.80 -29.31
C LYS A 456 -2.12 -19.80 -29.26
N ASP A 457 -1.37 -18.72 -29.30
CA ASP A 457 -0.11 -18.62 -30.11
C ASP A 457 1.17 -19.04 -29.35
N GLY A 458 1.05 -19.62 -28.16
CA GLY A 458 2.20 -20.17 -27.42
C GLY A 458 2.87 -19.15 -26.52
N ARG A 459 2.59 -17.85 -26.64
CA ARG A 459 3.25 -16.86 -25.74
C ARG A 459 2.68 -17.03 -24.31
N VAL A 460 3.43 -16.59 -23.31
CA VAL A 460 3.11 -16.88 -21.88
C VAL A 460 2.78 -15.59 -21.15
N LEU A 461 1.56 -15.51 -20.59
CA LEU A 461 1.14 -14.41 -19.69
C LEU A 461 1.23 -14.90 -18.23
N VAL A 462 1.77 -14.09 -17.34
CA VAL A 462 1.66 -14.31 -15.88
C VAL A 462 0.72 -13.26 -15.34
N VAL A 463 -0.44 -13.69 -14.86
CA VAL A 463 -1.61 -12.80 -14.63
C VAL A 463 -1.94 -12.76 -13.15
N PRO A 464 -2.34 -11.60 -12.62
CA PRO A 464 -2.77 -11.51 -11.23
C PRO A 464 -4.19 -12.02 -11.03
N CYS A 465 -4.50 -12.52 -9.83
CA CYS A 465 -5.81 -13.11 -9.54
C CYS A 465 -6.13 -12.99 -8.05
N ARG A 466 -7.40 -12.90 -7.70
CA ARG A 466 -7.85 -13.17 -6.33
C ARG A 466 -9.30 -13.59 -6.35
N ASN A 467 -9.81 -14.00 -5.19
CA ASN A 467 -11.19 -14.54 -5.12
C ASN A 467 -12.12 -13.49 -5.74
N GLN A 468 -12.98 -13.93 -6.65
CA GLN A 468 -13.76 -13.02 -7.50
C GLN A 468 -14.77 -12.28 -6.64
N ASP A 469 -15.25 -12.88 -5.56
CA ASP A 469 -16.21 -12.20 -4.64
C ASP A 469 -15.59 -10.91 -4.08
N GLU A 470 -14.30 -10.92 -3.76
CA GLU A 470 -13.55 -9.75 -3.28
C GLU A 470 -13.51 -8.68 -4.39
N LEU A 471 -13.24 -9.03 -5.64
CA LEU A 471 -13.18 -8.04 -6.74
C LEU A 471 -14.55 -7.37 -6.96
N ILE A 472 -15.60 -8.16 -7.05
CA ILE A 472 -16.98 -7.65 -7.31
C ILE A 472 -17.45 -6.83 -6.12
N GLY A 473 -17.24 -7.35 -4.91
CA GLY A 473 -17.60 -6.63 -3.67
C GLY A 473 -16.98 -5.24 -3.58
N ARG A 474 -15.72 -5.08 -3.99
CA ARG A 474 -14.97 -3.79 -3.86
C ARG A 474 -15.50 -2.81 -4.93
N ALA A 475 -15.76 -3.30 -6.15
CA ALA A 475 -16.25 -2.49 -7.29
C ALA A 475 -17.65 -1.94 -6.97
N ARG A 476 -18.41 -2.60 -6.09
CA ARG A 476 -19.79 -2.18 -5.74
C ARG A 476 -19.78 -1.10 -4.65
N ILE A 477 -18.60 -0.67 -4.23
CA ILE A 477 -18.48 0.28 -3.10
C ILE A 477 -17.88 1.58 -3.61
N SER A 478 -18.45 2.70 -3.15
N SER A 478 -18.45 2.71 -3.16
CA SER A 478 -17.92 4.08 -3.26
CA SER A 478 -17.87 4.08 -3.29
C SER A 478 -17.67 4.62 -1.85
C SER A 478 -17.71 4.69 -1.89
N GLN A 479 -16.65 5.49 -1.70
CA GLN A 479 -16.38 6.20 -0.41
C GLN A 479 -16.81 7.66 -0.61
N GLY A 480 -17.43 8.26 0.41
CA GLY A 480 -17.75 9.71 0.45
C GLY A 480 -19.11 10.08 -0.12
N ALA A 481 -19.46 11.38 -0.04
CA ALA A 481 -20.79 11.97 -0.27
C ALA A 481 -20.81 12.83 -1.53
N GLY A 482 -22.00 13.15 -2.03
CA GLY A 482 -22.23 14.15 -3.08
C GLY A 482 -21.81 13.60 -4.43
N TRP A 483 -21.90 12.26 -4.63
CA TRP A 483 -21.63 11.66 -5.97
C TRP A 483 -22.84 11.92 -6.88
N SER A 484 -22.62 12.56 -8.02
CA SER A 484 -23.58 12.65 -9.14
C SER A 484 -23.71 11.26 -9.80
N LEU A 485 -24.76 11.03 -10.61
CA LEU A 485 -24.92 9.79 -11.42
C LEU A 485 -23.71 9.63 -12.35
N ARG A 486 -23.29 10.73 -12.97
CA ARG A 486 -22.14 10.77 -13.89
C ARG A 486 -20.86 10.35 -13.15
N GLU A 487 -20.60 10.90 -11.97
CA GLU A 487 -19.37 10.52 -11.26
C GLU A 487 -19.44 9.03 -10.84
N THR A 488 -20.62 8.56 -10.45
CA THR A 488 -20.79 7.15 -10.02
C THR A 488 -20.49 6.26 -11.26
N ALA A 489 -21.01 6.64 -12.42
CA ALA A 489 -20.80 5.90 -13.69
C ALA A 489 -19.30 5.85 -14.00
N CYS A 490 -18.59 6.98 -13.87
CA CYS A 490 -17.16 7.07 -14.22
C CYS A 490 -16.30 6.25 -13.23
N LEU A 491 -16.67 6.16 -11.96
CA LEU A 491 -16.01 5.20 -11.01
C LEU A 491 -16.27 3.75 -11.45
N GLY A 492 -17.49 3.38 -11.84
CA GLY A 492 -17.76 2.03 -12.32
C GLY A 492 -16.93 1.74 -13.55
N LYS A 493 -16.78 2.71 -14.44
CA LYS A 493 -15.93 2.58 -15.64
C LYS A 493 -14.47 2.36 -15.24
N SER A 494 -13.94 3.02 -14.22
CA SER A 494 -12.55 2.75 -13.73
C SER A 494 -12.40 1.27 -13.33
N TYR A 495 -13.35 0.71 -12.58
CA TYR A 495 -13.30 -0.72 -12.18
C TYR A 495 -13.35 -1.61 -13.43
N ALA A 496 -14.30 -1.35 -14.31
CA ALA A 496 -14.46 -2.15 -15.55
C ALA A 496 -13.14 -2.18 -16.32
N GLN A 497 -12.49 -1.04 -16.51
CA GLN A 497 -11.22 -0.96 -17.30
C GLN A 497 -10.07 -1.66 -16.54
N MET A 498 -10.07 -1.60 -15.20
CA MET A 498 -9.03 -2.34 -14.45
C MET A 498 -9.25 -3.82 -14.71
N TRP A 499 -10.49 -4.27 -14.68
CA TRP A 499 -10.80 -5.69 -14.87
C TRP A 499 -10.36 -6.16 -16.27
N SER A 500 -10.61 -5.36 -17.32
N SER A 500 -10.62 -5.37 -17.33
CA SER A 500 -10.22 -5.71 -18.71
CA SER A 500 -10.22 -5.71 -18.71
C SER A 500 -8.70 -5.85 -18.81
C SER A 500 -8.70 -5.84 -18.82
N LEU A 501 -7.95 -5.08 -18.03
CA LEU A 501 -6.47 -5.04 -18.11
C LEU A 501 -5.79 -6.10 -17.23
N MET A 502 -6.31 -6.34 -16.03
CA MET A 502 -5.65 -7.17 -15.00
C MET A 502 -6.33 -8.54 -14.88
N TYR A 503 -7.65 -8.61 -15.03
CA TYR A 503 -8.49 -9.79 -14.71
C TYR A 503 -9.30 -10.24 -15.93
N PHE A 504 -8.83 -9.95 -17.16
CA PHE A 504 -9.45 -10.34 -18.46
C PHE A 504 -9.64 -11.87 -18.55
N HIS A 505 -8.81 -12.61 -17.82
CA HIS A 505 -8.81 -14.10 -17.80
C HIS A 505 -9.94 -14.73 -16.95
N ARG A 506 -10.69 -13.90 -16.22
CA ARG A 506 -11.88 -14.33 -15.43
C ARG A 506 -13.12 -14.04 -16.28
N ARG A 507 -13.85 -15.09 -16.67
CA ARG A 507 -15.00 -15.00 -17.61
C ARG A 507 -16.02 -13.97 -17.12
N ASP A 508 -16.39 -13.99 -15.84
CA ASP A 508 -17.45 -13.11 -15.29
C ASP A 508 -16.99 -11.64 -15.35
N LEU A 509 -15.72 -11.36 -15.10
CA LEU A 509 -15.20 -9.99 -15.04
C LEU A 509 -15.04 -9.46 -16.47
N ARG A 510 -14.67 -10.28 -17.45
CA ARG A 510 -14.52 -9.75 -18.83
C ARG A 510 -15.93 -9.37 -19.31
N LEU A 511 -16.92 -10.20 -19.02
CA LEU A 511 -18.33 -9.99 -19.43
C LEU A 511 -18.87 -8.77 -18.68
N ALA A 512 -18.62 -8.64 -17.40
CA ALA A 512 -19.19 -7.54 -16.62
C ALA A 512 -18.49 -6.23 -17.05
N ALA A 513 -17.18 -6.28 -17.30
CA ALA A 513 -16.39 -5.12 -17.75
C ALA A 513 -16.96 -4.64 -19.08
N ASN A 514 -17.22 -5.55 -20.01
CA ASN A 514 -17.81 -5.18 -21.32
C ASN A 514 -19.20 -4.55 -21.10
N ALA A 515 -20.02 -5.12 -20.22
CA ALA A 515 -21.37 -4.57 -19.93
C ALA A 515 -21.24 -3.15 -19.33
N ILE A 516 -20.40 -2.94 -18.33
CA ILE A 516 -20.26 -1.58 -17.73
C ILE A 516 -19.77 -0.59 -18.80
N CYS A 517 -18.76 -0.94 -19.60
CA CYS A 517 -18.20 -0.01 -20.62
C CYS A 517 -19.24 0.27 -21.71
N SER A 518 -20.20 -0.64 -21.89
CA SER A 518 -21.31 -0.48 -22.84
C SER A 518 -22.41 0.42 -22.24
N ALA A 519 -22.56 0.45 -20.91
CA ALA A 519 -23.69 1.13 -20.21
C ALA A 519 -23.32 2.59 -19.87
N VAL A 520 -22.03 2.91 -19.83
CA VAL A 520 -21.49 4.26 -19.56
C VAL A 520 -21.12 4.93 -20.89
N PRO A 521 -21.49 6.23 -21.08
CA PRO A 521 -21.18 6.93 -22.33
C PRO A 521 -19.69 6.76 -22.68
N SER A 522 -19.43 6.46 -23.96
N SER A 522 -19.42 6.49 -23.96
CA SER A 522 -18.11 6.05 -24.50
CA SER A 522 -18.11 6.03 -24.48
C SER A 522 -17.01 7.04 -24.13
C SER A 522 -16.99 7.04 -24.18
N HIS A 523 -17.30 8.35 -24.22
CA HIS A 523 -16.29 9.44 -24.01
C HIS A 523 -16.17 9.91 -22.57
N TRP A 524 -16.98 9.39 -21.64
CA TRP A 524 -16.86 9.83 -20.22
C TRP A 524 -15.59 9.25 -19.63
N VAL A 525 -14.87 10.06 -18.87
CA VAL A 525 -13.51 9.75 -18.39
C VAL A 525 -13.63 8.98 -17.08
N PRO A 526 -12.97 7.82 -16.96
CA PRO A 526 -12.85 7.14 -15.67
C PRO A 526 -12.30 8.02 -14.54
N THR A 527 -12.88 7.94 -13.32
CA THR A 527 -12.44 8.71 -12.13
C THR A 527 -12.24 7.80 -10.94
N SER A 528 -11.59 8.33 -9.92
CA SER A 528 -11.30 7.71 -8.59
C SER A 528 -10.99 8.84 -7.61
N ARG A 529 -11.25 8.65 -6.30
CA ARG A 529 -11.02 9.71 -5.25
C ARG A 529 -9.80 9.39 -4.37
N THR A 530 -9.25 8.17 -4.37
CA THR A 530 -7.88 7.87 -3.83
C THR A 530 -7.10 7.05 -4.86
N THR A 531 -6.26 7.72 -5.66
CA THR A 531 -5.56 7.16 -6.85
C THR A 531 -4.58 6.06 -6.42
N ALA A 536 1.32 2.01 -7.25
CA ALA A 536 1.42 1.17 -8.47
C ALA A 536 1.08 2.01 -9.72
N THR A 537 1.21 1.37 -10.89
CA THR A 537 0.75 1.91 -12.19
C THR A 537 -0.78 1.87 -12.21
N HIS A 538 -1.42 2.77 -12.95
N HIS A 538 -1.38 2.82 -12.96
CA HIS A 538 -2.89 2.76 -13.16
CA HIS A 538 -2.85 2.90 -13.17
C HIS A 538 -3.19 3.00 -14.65
C HIS A 538 -3.15 3.05 -14.68
N GLU A 539 -2.77 2.06 -15.50
CA GLU A 539 -2.89 2.16 -16.97
C GLU A 539 -4.34 2.13 -17.45
N TRP A 540 -5.29 1.65 -16.63
CA TRP A 540 -6.73 1.62 -16.97
C TRP A 540 -7.36 3.02 -16.85
N MET A 541 -6.68 4.01 -16.25
CA MET A 541 -7.27 5.37 -16.07
C MET A 541 -6.97 6.20 -17.34
N THR A 542 -7.85 6.09 -18.33
CA THR A 542 -7.64 6.59 -19.72
C THR A 542 -8.93 6.36 -20.51
N THR A 543 -9.07 7.09 -21.62
CA THR A 543 -10.18 7.01 -22.61
C THR A 543 -9.70 6.27 -23.87
N GLU A 544 -8.41 5.91 -23.94
CA GLU A 544 -7.85 5.07 -25.02
C GLU A 544 -8.58 3.71 -25.06
N ASP A 545 -8.67 3.15 -26.26
CA ASP A 545 -9.22 1.81 -26.56
C ASP A 545 -8.52 0.77 -25.65
N MET A 546 -9.30 -0.06 -24.95
CA MET A 546 -8.68 -0.97 -23.93
C MET A 546 -7.88 -2.07 -24.64
N LEU A 547 -8.24 -2.43 -25.88
CA LEU A 547 -7.39 -3.42 -26.62
C LEU A 547 -6.01 -2.82 -26.89
N THR A 548 -5.93 -1.52 -27.21
CA THR A 548 -4.63 -0.85 -27.46
C THR A 548 -3.81 -0.78 -26.16
N VAL A 549 -4.41 -0.35 -25.04
CA VAL A 549 -3.71 -0.38 -23.73
C VAL A 549 -3.30 -1.82 -23.35
N TRP A 550 -4.15 -2.82 -23.58
CA TRP A 550 -3.75 -4.24 -23.29
C TRP A 550 -2.43 -4.58 -24.03
N ASN A 551 -2.41 -4.35 -25.34
CA ASN A 551 -1.24 -4.62 -26.22
C ASN A 551 0.00 -3.89 -25.69
N ARG A 552 -0.12 -2.64 -25.27
CA ARG A 552 1.05 -1.89 -24.81
C ARG A 552 1.57 -2.53 -23.50
N VAL A 553 0.67 -2.89 -22.58
CA VAL A 553 1.01 -3.36 -21.20
C VAL A 553 1.57 -4.79 -21.27
N TRP A 554 0.90 -5.69 -21.97
CA TRP A 554 1.11 -7.15 -21.89
C TRP A 554 2.09 -7.60 -22.97
N ILE A 555 2.27 -6.82 -24.05
CA ILE A 555 3.13 -7.23 -25.20
C ILE A 555 4.27 -6.22 -25.33
N GLN A 556 3.99 -4.99 -25.79
CA GLN A 556 5.03 -4.04 -26.28
C GLN A 556 6.01 -3.75 -25.14
N GLU A 557 5.53 -3.44 -23.93
CA GLU A 557 6.34 -2.94 -22.80
C GLU A 557 6.65 -4.06 -21.79
N ASN A 558 6.29 -5.30 -22.12
CA ASN A 558 6.47 -6.47 -21.22
C ASN A 558 7.87 -7.05 -21.47
N PRO A 559 8.83 -6.87 -20.55
CA PRO A 559 10.18 -7.38 -20.81
C PRO A 559 10.29 -8.91 -20.80
N TRP A 560 9.25 -9.63 -20.38
CA TRP A 560 9.27 -11.12 -20.36
C TRP A 560 8.66 -11.70 -21.65
N MET A 561 8.22 -10.86 -22.59
CA MET A 561 7.57 -11.27 -23.87
C MET A 561 8.56 -10.95 -25.01
N GLU A 562 9.17 -11.95 -25.65
CA GLU A 562 10.21 -11.67 -26.67
C GLU A 562 9.52 -11.27 -27.99
N ASP A 563 8.50 -12.00 -28.40
CA ASP A 563 7.75 -11.77 -29.66
C ASP A 563 6.76 -10.62 -29.46
N LYS A 564 6.87 -9.53 -30.26
CA LYS A 564 6.09 -8.28 -30.06
C LYS A 564 4.88 -8.19 -31.00
N THR A 565 4.47 -9.31 -31.59
CA THR A 565 3.31 -9.35 -32.51
C THR A 565 2.08 -8.86 -31.77
N PRO A 566 1.43 -7.76 -32.19
CA PRO A 566 0.27 -7.25 -31.45
C PRO A 566 -0.89 -8.26 -31.56
N VAL A 567 -1.79 -8.25 -30.59
CA VAL A 567 -3.07 -9.02 -30.61
C VAL A 567 -4.11 -8.13 -31.30
N GLU A 568 -4.95 -8.68 -32.17
CA GLU A 568 -5.85 -7.91 -33.09
C GLU A 568 -7.30 -7.94 -32.57
N SER A 569 -7.63 -8.85 -31.67
CA SER A 569 -8.96 -8.89 -31.02
C SER A 569 -8.88 -9.54 -29.63
N TRP A 570 -9.88 -9.22 -28.85
CA TRP A 570 -10.04 -9.78 -27.50
C TRP A 570 -10.14 -11.31 -27.57
N GLU A 571 -10.61 -11.89 -28.67
CA GLU A 571 -10.80 -13.37 -28.72
C GLU A 571 -9.45 -14.07 -28.81
N GLU A 572 -8.38 -13.41 -29.21
CA GLU A 572 -7.00 -13.97 -29.11
C GLU A 572 -6.57 -14.06 -27.63
N ILE A 573 -7.22 -13.34 -26.73
CA ILE A 573 -6.76 -13.20 -25.31
C ILE A 573 -7.45 -14.29 -24.49
N PRO A 574 -6.68 -15.19 -23.83
CA PRO A 574 -7.25 -16.38 -23.20
C PRO A 574 -7.88 -16.14 -21.81
N TYR A 575 -8.63 -17.14 -21.35
CA TYR A 575 -9.15 -17.26 -19.97
C TYR A 575 -8.39 -18.36 -19.22
N LEU A 576 -8.51 -18.38 -17.89
CA LEU A 576 -8.15 -19.55 -17.05
C LEU A 576 -8.98 -20.74 -17.53
N GLY A 577 -8.54 -21.97 -17.27
CA GLY A 577 -9.39 -23.17 -17.44
C GLY A 577 -10.72 -22.96 -16.73
N LYS A 578 -11.80 -23.53 -17.28
CA LYS A 578 -13.16 -23.37 -16.71
C LYS A 578 -13.13 -23.79 -15.23
N ARG A 579 -12.43 -24.87 -14.88
CA ARG A 579 -12.45 -25.40 -13.50
C ARG A 579 -11.64 -24.46 -12.60
N GLU A 580 -10.48 -24.00 -13.06
CA GLU A 580 -9.68 -22.97 -12.32
C GLU A 580 -10.49 -21.68 -12.09
N ASP A 581 -11.26 -21.23 -13.06
CA ASP A 581 -12.09 -20.01 -12.92
C ASP A 581 -13.09 -20.22 -11.79
N GLN A 582 -13.70 -21.41 -11.70
CA GLN A 582 -14.66 -21.73 -10.60
C GLN A 582 -13.94 -21.74 -9.26
N TRP A 583 -12.81 -22.47 -9.17
CA TRP A 583 -11.95 -22.49 -7.96
C TRP A 583 -11.72 -21.05 -7.45
N CYS A 584 -11.49 -20.08 -8.37
CA CYS A 584 -11.18 -18.69 -7.98
C CYS A 584 -12.45 -17.84 -7.87
N GLY A 585 -13.63 -18.49 -7.83
CA GLY A 585 -14.91 -17.90 -7.41
C GLY A 585 -15.86 -17.59 -8.55
N SER A 586 -15.60 -18.03 -9.79
CA SER A 586 -16.50 -17.78 -10.93
C SER A 586 -17.86 -18.42 -10.66
N LEU A 587 -18.93 -17.79 -11.17
CA LEU A 587 -20.33 -18.31 -11.10
C LEU A 587 -20.68 -19.09 -12.37
N ILE A 588 -19.74 -19.31 -13.31
CA ILE A 588 -20.04 -20.10 -14.53
C ILE A 588 -20.64 -21.44 -14.08
N GLY A 589 -21.69 -21.90 -14.76
CA GLY A 589 -22.37 -23.16 -14.42
C GLY A 589 -23.65 -22.93 -13.64
N LEU A 590 -23.77 -21.80 -12.92
CA LEU A 590 -25.01 -21.46 -12.18
C LEU A 590 -26.06 -20.90 -13.15
N THR A 591 -27.33 -21.25 -12.88
CA THR A 591 -28.51 -20.75 -13.62
C THR A 591 -28.61 -19.21 -13.56
N SER A 592 -28.41 -18.63 -12.37
CA SER A 592 -28.39 -17.15 -12.18
C SER A 592 -27.45 -16.51 -13.23
N ARG A 593 -26.23 -17.05 -13.38
CA ARG A 593 -25.16 -16.44 -14.21
C ARG A 593 -25.50 -16.60 -15.70
N ALA A 594 -26.10 -17.73 -16.10
CA ALA A 594 -26.52 -18.00 -17.50
C ALA A 594 -27.62 -17.01 -17.92
N THR A 595 -28.57 -16.72 -17.04
CA THR A 595 -29.68 -15.78 -17.31
C THR A 595 -29.10 -14.37 -17.46
N TRP A 596 -28.20 -14.04 -16.54
CA TRP A 596 -27.48 -12.74 -16.57
C TRP A 596 -26.76 -12.58 -17.92
N ALA A 597 -25.92 -13.54 -18.29
CA ALA A 597 -25.12 -13.47 -19.55
C ALA A 597 -26.04 -13.33 -20.77
N LYS A 598 -27.03 -14.21 -20.87
CA LYS A 598 -27.96 -14.26 -22.00
C LYS A 598 -28.71 -12.93 -22.11
N ASN A 599 -29.17 -12.36 -21.00
CA ASN A 599 -30.01 -11.13 -21.02
C ASN A 599 -29.19 -9.87 -20.73
N ILE A 600 -27.89 -9.87 -20.96
CA ILE A 600 -27.02 -8.72 -20.54
C ILE A 600 -27.44 -7.37 -21.19
N GLN A 601 -27.90 -7.38 -22.45
N GLN A 601 -27.91 -7.39 -22.44
CA GLN A 601 -28.30 -6.14 -23.18
CA GLN A 601 -28.30 -6.17 -23.20
C GLN A 601 -29.48 -5.47 -22.47
C GLN A 601 -29.51 -5.49 -22.52
N THR A 602 -30.35 -6.24 -21.82
CA THR A 602 -31.48 -5.69 -21.03
C THR A 602 -30.98 -4.94 -19.79
N ALA A 603 -29.88 -5.38 -19.19
CA ALA A 603 -29.29 -4.77 -17.98
C ALA A 603 -28.58 -3.52 -18.42
N ILE A 604 -27.82 -3.64 -19.49
CA ILE A 604 -27.11 -2.48 -20.09
C ILE A 604 -28.14 -1.38 -20.41
N ASN A 605 -29.27 -1.75 -21.01
CA ASN A 605 -30.32 -0.78 -21.44
C ASN A 605 -30.97 -0.15 -20.20
N GLN A 606 -31.12 -0.89 -19.09
CA GLN A 606 -31.68 -0.34 -17.86
C GLN A 606 -30.82 0.85 -17.41
N VAL A 607 -29.49 0.66 -17.37
CA VAL A 607 -28.54 1.70 -16.90
C VAL A 607 -28.51 2.86 -17.93
N ARG A 608 -28.46 2.54 -19.23
CA ARG A 608 -28.49 3.58 -20.30
C ARG A 608 -29.73 4.47 -20.13
N SER A 609 -30.90 3.88 -19.88
CA SER A 609 -32.16 4.63 -19.63
C SER A 609 -32.05 5.56 -18.40
N LEU A 610 -31.32 5.17 -17.37
CA LEU A 610 -31.19 5.96 -16.12
C LEU A 610 -30.27 7.17 -16.37
N ILE A 611 -29.16 6.92 -17.07
CA ILE A 611 -28.14 7.94 -17.40
C ILE A 611 -28.73 8.92 -18.43
N GLY A 612 -29.42 8.40 -19.44
CA GLY A 612 -30.20 9.19 -20.44
C GLY A 612 -29.57 9.15 -21.82
N ASN A 613 -30.15 9.89 -22.77
CA ASN A 613 -29.73 9.93 -24.20
C ASN A 613 -28.30 10.50 -24.28
N GLU A 614 -27.30 9.63 -24.35
CA GLU A 614 -25.87 10.01 -24.46
C GLU A 614 -25.32 9.11 -25.57
N GLU A 615 -24.05 9.26 -25.95
CA GLU A 615 -23.44 8.38 -26.98
C GLU A 615 -22.84 7.15 -26.26
N TYR A 616 -23.27 5.95 -26.65
CA TYR A 616 -22.87 4.63 -26.09
C TYR A 616 -22.29 3.77 -27.21
N THR A 617 -21.31 2.93 -26.88
CA THR A 617 -20.73 1.86 -27.75
C THR A 617 -21.17 0.50 -27.21
N ASP A 618 -21.54 -0.43 -28.09
CA ASP A 618 -21.78 -1.85 -27.72
C ASP A 618 -20.43 -2.58 -27.74
N TYR A 619 -19.88 -2.92 -26.57
CA TYR A 619 -18.62 -3.69 -26.49
C TYR A 619 -18.90 -5.19 -26.39
N MET A 620 -20.15 -5.65 -26.28
CA MET A 620 -20.41 -7.10 -26.04
C MET A 620 -19.94 -7.98 -27.21
N PRO A 621 -20.05 -7.59 -28.51
CA PRO A 621 -19.47 -8.36 -29.62
C PRO A 621 -17.95 -8.61 -29.66
N SER A 622 -17.21 -8.02 -28.71
CA SER A 622 -15.77 -8.32 -28.45
C SER A 622 -15.63 -9.76 -27.89
N MET A 623 -16.72 -10.33 -27.37
CA MET A 623 -16.80 -11.74 -26.90
C MET A 623 -17.63 -12.56 -27.90
N LYS A 624 -17.14 -13.77 -28.23
CA LYS A 624 -17.62 -14.66 -29.32
C LYS A 624 -19.14 -14.88 -29.23
N ARG A 625 -19.68 -15.15 -28.04
CA ARG A 625 -21.11 -15.55 -27.83
C ARG A 625 -22.06 -14.40 -28.20
N PHE A 626 -21.61 -13.14 -28.17
CA PHE A 626 -22.42 -11.94 -28.54
C PHE A 626 -22.05 -11.51 -29.97
N ARG A 627 -20.95 -12.06 -30.51
CA ARG A 627 -20.56 -11.86 -31.93
C ARG A 627 -21.56 -12.72 -32.72
N ARG A 628 -22.80 -12.24 -32.87
CA ARG A 628 -23.97 -13.00 -33.42
C ARG A 628 -24.21 -14.25 -32.57
ZN ZN B . -6.85 -17.43 -9.28
ZN ZN C . 6.94 20.65 13.55
O1 MES D . -29.17 6.32 -9.71
O1 MES D . -29.18 6.06 -9.64
C2 MES D . -30.39 5.94 -9.07
C2 MES D . -30.37 5.53 -9.07
C3 MES D . -30.15 4.89 -8.02
C3 MES D . -30.10 4.20 -8.39
N4 MES D . -29.47 3.69 -8.61
N4 MES D . -29.54 3.23 -9.39
C5 MES D . -28.22 4.14 -9.29
C5 MES D . -28.33 3.82 -10.01
C6 MES D . -28.54 5.20 -10.31
C6 MES D . -28.67 5.17 -10.62
C7 MES D . -29.19 2.65 -7.57
C7 MES D . -29.25 1.90 -8.76
C8 MES D . -29.13 1.25 -8.14
C8 MES D . -29.13 1.95 -7.25
S MES D . -28.92 0.02 -6.84
S MES D . -29.19 0.33 -6.51
O1S MES D . -30.18 -0.08 -6.18
O1S MES D . -29.84 -0.51 -7.47
O2S MES D . -28.51 -1.17 -7.56
O2S MES D . -27.83 -0.05 -6.28
O3S MES D . -27.85 0.51 -6.02
O3S MES D . -29.94 0.46 -5.30
S DMS E . -14.25 -2.72 -23.14
O DMS E . -13.49 -3.42 -24.27
C1 DMS E . -13.58 -1.08 -23.00
C2 DMS E . -13.52 -3.40 -21.65
S DMS F . -11.49 -16.76 -26.69
O DMS F . -11.09 -15.49 -25.99
C1 DMS F . -13.27 -16.81 -26.67
C2 DMS F . -11.19 -18.08 -25.54
S DMS G . -10.05 1.88 -9.13
O DMS G . -9.13 2.73 -9.91
C1 DMS G . -8.98 0.85 -8.18
C2 DMS G . -10.55 0.60 -10.22
P PO4 H . 2.51 -12.23 2.48
O1 PO4 H . 1.77 -13.59 3.04
O2 PO4 H . 3.70 -11.86 3.47
O3 PO4 H . 3.16 -12.37 1.02
O4 PO4 H . 1.42 -11.22 2.38
P PO4 I . 22.89 12.27 13.12
O1 PO4 I . 21.46 12.13 13.66
O2 PO4 I . 23.73 11.09 13.61
O3 PO4 I . 22.86 12.31 11.56
O4 PO4 I . 23.51 13.58 13.66
C1 PEG J . 13.46 -8.38 -15.66
O1 PEG J . 13.25 -7.22 -16.46
C2 PEG J . 13.98 -9.54 -16.46
O2 PEG J . 13.53 -9.43 -17.81
C3 PEG J . 14.17 -10.38 -18.67
C4 PEG J . 13.16 -11.36 -19.18
O4 PEG J . 13.45 -11.83 -20.48
N1 LJR K . -18.03 -16.47 -22.35
C4 LJR K . -20.34 -19.93 -20.15
C5 LJR K . -21.05 -21.23 -19.75
C6 LJR K . -20.10 -22.19 -19.03
C7 LJR K . -18.81 -22.41 -19.80
C8 LJR K . -18.16 -21.09 -20.18
C1 LJR K . -16.63 -16.72 -22.66
S1 LJR K . -18.74 -17.34 -21.19
O1 LJR K . -18.03 -17.09 -19.99
O2 LJR K . -20.15 -17.08 -21.24
C2 LJR K . -18.44 -19.03 -21.67
C3 LJR K . -19.11 -20.24 -21.01
P PO4 L . -18.40 -26.52 -16.11
O1 PO4 L . -17.05 -26.87 -15.51
O2 PO4 L . -18.63 -25.02 -16.04
O3 PO4 L . -18.44 -26.97 -17.58
O4 PO4 L . -19.50 -27.23 -15.33
#